data_8CB0
#
_entry.id   8CB0
#
_cell.length_a   128.683
_cell.length_b   128.683
_cell.length_c   72.106
_cell.angle_alpha   90.00
_cell.angle_beta   90.00
_cell.angle_gamma   120.00
#
_symmetry.space_group_name_H-M   'P 3 2 1'
#
loop_
_entity.id
_entity.type
_entity.pdbx_description
1 polymer 'Putative ferric reductase'
2 non-polymer 'FLAVIN-ADENINE DINUCLEOTIDE'
3 non-polymer 15-(1,4-dioxa-8-azaspiro[4.5]decan-8-yl)-14-azatetracyclo[7.7.1.0^{2,7}.0^{13,17}]heptadeca-1(16),2(7),3,5,9,11,13(17),14-octaen-8-one
4 non-polymer 1,2-ETHANEDIOL
5 non-polymer 'NADP NICOTINAMIDE-ADENINE-DINUCLEOTIDE PHOSPHATE'
6 water water
#
_entity_poly.entity_id   1
_entity_poly.type   'polypeptide(L)'
_entity_poly.pdbx_seq_one_letter_code
;GSEPTFVVNASLLPSKVLGLQVQRPQSFNYQPGDYLFIKCPGISKFEWHPFTISSAPEMPDVLTLHIRAVGSWTGKLYQL
IREQREEWIRSGSSQSLPGVPVYIDGPYGTPSTHIFESKYAILICAGIGVTPFASILKSILHRNQQNPAKMPLKKVHFYW
LNREQKAFEWFVELLSKIEAEDTNNLFDLNLYLTGAQQKSDMKSSTLFVAMDLMHQETKVDLITGLKSRTKTGRPDWEEI
FKDVAKQHAPDNVEVFFCGPTGLALQLRHLCTKYGFGYRKENF
;
_entity_poly.pdbx_strand_id   A
#
# COMPACT_ATOMS: atom_id res chain seq x y z
N GLY A 1 -19.52 -2.48 -8.65
CA GLY A 1 -20.34 -3.72 -8.72
C GLY A 1 -20.10 -4.64 -7.54
N SER A 2 -21.20 -5.09 -6.88
CA SER A 2 -21.26 -6.01 -5.69
C SER A 2 -21.37 -7.47 -6.15
N GLU A 3 -20.41 -8.33 -5.77
CA GLU A 3 -20.28 -9.75 -6.24
C GLU A 3 -19.86 -10.66 -5.08
N PRO A 4 -20.42 -11.91 -4.93
CA PRO A 4 -19.90 -12.91 -3.97
C PRO A 4 -18.56 -13.46 -4.49
N THR A 5 -17.63 -13.68 -3.59
CA THR A 5 -16.27 -14.16 -3.89
C THR A 5 -15.71 -14.67 -2.58
N PHE A 6 -14.42 -14.96 -2.54
CA PHE A 6 -13.85 -15.78 -1.45
C PHE A 6 -12.47 -15.26 -1.17
N VAL A 7 -12.17 -15.18 0.12
CA VAL A 7 -10.78 -15.19 0.62
C VAL A 7 -10.24 -16.60 0.42
N VAL A 8 -9.41 -16.81 -0.59
CA VAL A 8 -8.88 -18.16 -0.97
C VAL A 8 -7.55 -18.42 -0.28
N ASN A 9 -6.96 -17.43 0.40
CA ASN A 9 -5.69 -17.60 1.15
C ASN A 9 -5.44 -16.35 2.00
N ALA A 10 -4.68 -16.46 3.07
CA ALA A 10 -4.33 -15.33 3.94
C ALA A 10 -2.95 -15.57 4.52
N SER A 11 -2.20 -14.54 4.82
CA SER A 11 -0.99 -14.66 5.65
C SER A 11 -1.22 -13.89 6.94
N LEU A 12 -0.52 -14.25 8.01
CA LEU A 12 -0.50 -13.53 9.30
C LEU A 12 0.89 -12.90 9.46
N LEU A 13 0.94 -11.59 9.34
CA LEU A 13 2.17 -10.78 9.32
C LEU A 13 2.25 -10.04 10.65
N PRO A 14 3.41 -9.49 11.01
CA PRO A 14 3.54 -8.78 12.28
C PRO A 14 2.56 -7.60 12.48
N SER A 15 2.48 -7.05 13.69
CA SER A 15 1.52 -5.98 14.10
C SER A 15 0.07 -6.35 13.72
N LYS A 16 -0.31 -7.60 13.89
CA LYS A 16 -1.69 -8.10 13.70
C LYS A 16 -2.20 -7.71 12.31
N VAL A 17 -1.50 -8.06 11.24
CA VAL A 17 -1.94 -7.70 9.85
C VAL A 17 -2.35 -8.97 9.12
N LEU A 18 -3.46 -8.93 8.40
CA LEU A 18 -3.91 -10.03 7.51
C LEU A 18 -3.50 -9.70 6.09
N GLY A 19 -2.73 -10.55 5.46
CA GLY A 19 -2.48 -10.43 4.02
C GLY A 19 -3.48 -11.28 3.30
N LEU A 20 -4.66 -10.78 3.04
CA LEU A 20 -5.78 -11.53 2.40
C LEU A 20 -5.50 -11.66 0.91
N GLN A 21 -5.70 -12.83 0.34
CA GLN A 21 -5.88 -12.99 -1.12
C GLN A 21 -7.34 -13.32 -1.41
N VAL A 22 -7.94 -12.54 -2.31
CA VAL A 22 -9.37 -12.58 -2.65
C VAL A 22 -9.48 -12.90 -4.13
N GLN A 23 -10.36 -13.82 -4.48
CA GLN A 23 -10.59 -14.24 -5.87
C GLN A 23 -11.16 -13.01 -6.61
N ARG A 24 -10.52 -12.65 -7.70
CA ARG A 24 -10.88 -11.48 -8.53
C ARG A 24 -11.92 -11.89 -9.57
N PRO A 25 -13.16 -11.35 -9.52
CA PRO A 25 -14.15 -11.66 -10.55
C PRO A 25 -13.68 -11.23 -11.95
N GLN A 26 -14.24 -11.81 -13.02
CA GLN A 26 -13.84 -11.58 -14.44
C GLN A 26 -14.09 -10.11 -14.80
N SER A 27 -15.22 -9.56 -14.36
CA SER A 27 -15.63 -8.16 -14.59
C SER A 27 -14.71 -7.14 -13.91
N PHE A 28 -13.91 -7.52 -12.89
CA PHE A 28 -13.32 -6.56 -11.91
C PHE A 28 -11.97 -6.02 -12.36
N ASN A 29 -11.96 -4.80 -12.89
CA ASN A 29 -10.75 -4.10 -13.36
C ASN A 29 -10.53 -2.92 -12.44
N TYR A 30 -9.29 -2.67 -12.08
CA TYR A 30 -8.94 -1.59 -11.16
C TYR A 30 -7.63 -0.99 -11.62
N GLN A 31 -7.33 0.16 -11.05
CA GLN A 31 -6.06 0.87 -11.21
C GLN A 31 -5.34 0.94 -9.88
N PRO A 32 -4.01 1.06 -9.90
CA PRO A 32 -3.21 1.04 -8.69
C PRO A 32 -3.56 2.27 -7.87
N GLY A 33 -3.75 2.08 -6.57
CA GLY A 33 -4.27 3.14 -5.68
C GLY A 33 -5.75 2.95 -5.35
N ASP A 34 -6.46 2.16 -6.15
CA ASP A 34 -7.93 1.91 -5.93
C ASP A 34 -8.19 1.19 -4.60
N TYR A 35 -9.35 1.43 -4.02
CA TYR A 35 -9.86 0.70 -2.84
C TYR A 35 -11.19 0.05 -3.19
N LEU A 36 -11.61 -0.86 -2.33
CA LEU A 36 -12.97 -1.43 -2.42
C LEU A 36 -13.58 -1.49 -1.03
N PHE A 37 -14.88 -1.75 -0.97
CA PHE A 37 -15.60 -2.01 0.32
C PHE A 37 -15.82 -3.51 0.34
N ILE A 38 -15.62 -4.12 1.49
CA ILE A 38 -15.75 -5.60 1.66
C ILE A 38 -16.78 -5.84 2.79
N LYS A 39 -17.65 -6.84 2.60
CA LYS A 39 -18.59 -7.33 3.63
C LYS A 39 -18.25 -8.79 3.89
N CYS A 40 -18.03 -9.15 5.16
CA CYS A 40 -17.83 -10.56 5.57
C CYS A 40 -19.02 -11.02 6.42
N PRO A 41 -20.00 -11.75 5.84
CA PRO A 41 -21.19 -12.18 6.58
C PRO A 41 -20.91 -12.97 7.87
N GLY A 42 -19.80 -13.74 7.88
CA GLY A 42 -19.32 -14.46 9.08
C GLY A 42 -18.99 -13.53 10.24
N ILE A 43 -18.72 -12.25 9.98
CA ILE A 43 -18.33 -11.25 11.01
C ILE A 43 -19.53 -10.33 11.32
N SER A 44 -20.16 -9.80 10.27
CA SER A 44 -21.37 -8.93 10.27
C SER A 44 -22.08 -9.12 8.93
N LYS A 45 -23.38 -9.34 8.96
CA LYS A 45 -24.14 -9.58 7.71
C LYS A 45 -24.34 -8.25 6.97
N PHE A 46 -24.17 -7.10 7.64
CA PHE A 46 -24.67 -5.79 7.13
C PHE A 46 -23.56 -4.72 7.00
N GLU A 47 -22.40 -4.90 7.63
CA GLU A 47 -21.33 -3.86 7.70
C GLU A 47 -20.37 -3.98 6.52
N TRP A 48 -20.10 -2.86 5.86
CA TRP A 48 -19.05 -2.76 4.81
C TRP A 48 -17.88 -1.91 5.30
N HIS A 49 -16.65 -2.38 5.13
CA HIS A 49 -15.41 -1.64 5.44
C HIS A 49 -14.57 -1.49 4.19
N PRO A 50 -13.88 -0.33 4.07
CA PRO A 50 -13.02 -0.07 2.94
C PRO A 50 -11.55 -0.46 3.16
N PHE A 51 -10.98 -1.07 2.14
CA PHE A 51 -9.56 -1.46 2.17
C PHE A 51 -8.98 -1.18 0.81
N THR A 52 -7.75 -0.67 0.84
CA THR A 52 -6.91 -0.45 -0.35
C THR A 52 -6.62 -1.81 -0.95
N ILE A 53 -6.68 -1.90 -2.26
CA ILE A 53 -6.23 -3.10 -3.00
C ILE A 53 -4.69 -3.02 -3.08
N SER A 54 -4.00 -3.82 -2.29
CA SER A 54 -2.54 -3.70 -2.09
C SER A 54 -1.81 -4.40 -3.24
N SER A 55 -2.51 -5.15 -4.05
CA SER A 55 -1.96 -5.76 -5.28
C SER A 55 -2.05 -4.80 -6.47
N ALA A 56 -1.32 -5.11 -7.54
CA ALA A 56 -1.35 -4.34 -8.79
C ALA A 56 -2.26 -5.07 -9.75
N PRO A 57 -3.04 -4.38 -10.58
CA PRO A 57 -4.01 -5.05 -11.45
C PRO A 57 -3.39 -5.89 -12.58
N GLU A 58 -2.07 -5.92 -12.70
CA GLU A 58 -1.33 -6.76 -13.67
C GLU A 58 -1.26 -8.19 -13.11
N MET A 59 -1.34 -8.39 -11.79
CA MET A 59 -1.49 -9.72 -11.13
C MET A 59 -2.89 -10.22 -11.47
N PRO A 60 -3.09 -11.47 -11.94
CA PRO A 60 -4.25 -11.76 -12.79
C PRO A 60 -5.51 -12.37 -12.16
N ASP A 61 -5.43 -13.14 -11.06
CA ASP A 61 -6.63 -13.95 -10.64
C ASP A 61 -7.06 -13.63 -9.20
N VAL A 62 -6.18 -12.99 -8.45
CA VAL A 62 -6.48 -12.55 -7.07
C VAL A 62 -6.14 -11.05 -6.96
N LEU A 63 -6.95 -10.35 -6.14
CA LEU A 63 -6.68 -9.08 -5.43
C LEU A 63 -6.01 -9.46 -4.15
N THR A 64 -5.34 -8.50 -3.54
CA THR A 64 -4.74 -8.61 -2.20
C THR A 64 -5.21 -7.44 -1.35
N LEU A 65 -5.46 -7.67 -0.08
CA LEU A 65 -5.75 -6.65 0.94
C LEU A 65 -4.80 -6.88 2.10
N HIS A 66 -4.21 -5.82 2.65
CA HIS A 66 -3.46 -5.87 3.91
C HIS A 66 -4.29 -5.15 4.96
N ILE A 67 -4.93 -5.91 5.82
CA ILE A 67 -5.91 -5.36 6.80
C ILE A 67 -5.28 -5.44 8.17
N ARG A 68 -5.10 -4.33 8.84
CA ARG A 68 -4.55 -4.34 10.23
C ARG A 68 -5.69 -4.36 11.28
N ALA A 69 -5.59 -5.27 12.26
CA ALA A 69 -6.55 -5.45 13.37
C ALA A 69 -6.46 -4.25 14.29
N VAL A 70 -7.39 -3.31 14.20
CA VAL A 70 -7.33 -2.06 14.99
C VAL A 70 -8.55 -1.88 15.89
N GLY A 71 -9.60 -2.68 15.68
CA GLY A 71 -10.86 -2.59 16.42
C GLY A 71 -11.76 -3.78 16.18
N SER A 72 -13.04 -3.51 16.15
CA SER A 72 -14.07 -4.55 16.29
C SER A 72 -14.06 -5.45 15.04
N TRP A 73 -14.40 -4.93 13.88
CA TRP A 73 -14.57 -5.78 12.67
C TRP A 73 -13.22 -6.37 12.24
N THR A 74 -12.15 -5.58 12.18
CA THR A 74 -10.82 -6.09 11.74
C THR A 74 -10.33 -7.11 12.77
N GLY A 75 -10.57 -6.88 14.06
CA GLY A 75 -10.20 -7.83 15.13
C GLY A 75 -10.90 -9.17 14.94
N LYS A 76 -12.18 -9.14 14.61
CA LYS A 76 -12.98 -10.37 14.48
C LYS A 76 -12.49 -11.06 13.21
N LEU A 77 -12.27 -10.34 12.12
CA LEU A 77 -11.75 -10.98 10.87
C LEU A 77 -10.43 -11.69 11.16
N TYR A 78 -9.54 -11.05 11.91
CA TYR A 78 -8.20 -11.61 12.24
C TYR A 78 -8.43 -12.91 13.00
N GLN A 79 -9.34 -12.90 13.96
CA GLN A 79 -9.55 -14.03 14.89
C GLN A 79 -10.24 -15.18 14.14
N LEU A 80 -11.24 -14.89 13.29
CA LEU A 80 -11.85 -15.90 12.38
C LEU A 80 -10.77 -16.57 11.54
N ILE A 81 -9.85 -15.80 10.97
CA ILE A 81 -8.86 -16.29 9.97
C ILE A 81 -7.78 -17.08 10.71
N ARG A 82 -7.28 -16.56 11.84
CA ARG A 82 -6.34 -17.28 12.72
C ARG A 82 -6.98 -18.63 13.06
N GLU A 83 -8.11 -18.64 13.77
CA GLU A 83 -8.78 -19.91 14.23
C GLU A 83 -8.97 -20.85 13.04
N GLN A 84 -9.47 -20.39 11.91
CA GLN A 84 -9.78 -21.34 10.81
C GLN A 84 -8.47 -22.03 10.39
N ARG A 85 -7.34 -21.31 10.46
CA ARG A 85 -6.03 -21.80 9.93
C ARG A 85 -5.38 -22.73 10.94
N GLU A 86 -5.29 -22.32 12.23
CA GLU A 86 -4.96 -23.17 13.41
C GLU A 86 -5.71 -24.51 13.33
N GLU A 87 -7.02 -24.52 13.01
CA GLU A 87 -7.84 -25.75 13.01
C GLU A 87 -7.47 -26.61 11.82
N TRP A 88 -7.62 -26.14 10.59
CA TRP A 88 -7.46 -26.99 9.38
C TRP A 88 -6.05 -27.61 9.37
N ILE A 89 -5.05 -26.96 9.98
CA ILE A 89 -3.66 -27.49 10.06
C ILE A 89 -3.39 -28.39 11.29
N ARG A 90 -4.14 -28.30 12.40
CA ARG A 90 -4.25 -29.40 13.42
C ARG A 90 -4.97 -30.65 12.82
N SER A 91 -5.87 -30.49 11.84
CA SER A 91 -6.75 -31.56 11.30
C SER A 91 -6.49 -31.67 9.80
N GLY A 92 -5.49 -32.47 9.40
CA GLY A 92 -4.63 -32.32 8.19
C GLY A 92 -5.30 -31.63 6.99
N SER A 93 -5.90 -32.44 6.12
CA SER A 93 -6.58 -32.00 4.88
C SER A 93 -7.65 -33.06 4.54
N SER A 94 -7.59 -33.69 3.36
CA SER A 94 -8.69 -34.46 2.72
C SER A 94 -9.29 -33.58 1.61
N GLN A 95 -9.50 -32.29 1.92
CA GLN A 95 -9.91 -31.22 0.97
C GLN A 95 -8.76 -30.19 0.82
N SER A 96 -8.97 -29.17 -0.02
CA SER A 96 -8.23 -27.87 0.02
C SER A 96 -8.83 -27.06 1.18
N LEU A 97 -8.20 -25.92 1.52
CA LEU A 97 -8.71 -25.01 2.58
C LEU A 97 -9.95 -24.29 2.05
N PRO A 98 -11.10 -24.23 2.75
CA PRO A 98 -12.29 -23.58 2.18
C PRO A 98 -12.15 -22.04 2.24
N GLY A 99 -12.63 -21.35 1.20
CA GLY A 99 -12.75 -19.88 1.14
C GLY A 99 -13.63 -19.30 2.25
N VAL A 100 -13.23 -18.20 2.90
CA VAL A 100 -14.20 -17.38 3.67
C VAL A 100 -15.01 -16.58 2.65
N PRO A 101 -16.36 -16.74 2.59
CA PRO A 101 -17.16 -15.93 1.68
C PRO A 101 -17.20 -14.46 2.10
N VAL A 102 -17.15 -13.59 1.09
CA VAL A 102 -17.15 -12.11 1.28
C VAL A 102 -17.85 -11.51 0.07
N TYR A 103 -18.42 -10.32 0.22
CA TYR A 103 -18.84 -9.50 -0.95
C TYR A 103 -17.86 -8.33 -1.11
N ILE A 104 -17.54 -7.99 -2.36
CA ILE A 104 -16.74 -6.77 -2.62
C ILE A 104 -17.54 -5.83 -3.51
N ASP A 105 -17.30 -4.53 -3.30
CA ASP A 105 -17.93 -3.39 -4.02
C ASP A 105 -16.76 -2.49 -4.40
N GLY A 106 -16.61 -2.24 -5.68
CA GLY A 106 -15.66 -1.25 -6.18
C GLY A 106 -15.32 -1.55 -7.62
N PRO A 107 -14.15 -1.08 -8.10
CA PRO A 107 -13.25 -0.31 -7.24
C PRO A 107 -13.68 1.16 -7.09
N TYR A 108 -13.07 1.88 -6.17
CA TYR A 108 -13.23 3.32 -5.91
C TYR A 108 -11.86 3.97 -6.13
N GLY A 109 -11.82 5.10 -6.83
CA GLY A 109 -10.59 5.81 -7.16
C GLY A 109 -10.10 6.72 -6.08
N THR A 110 -8.83 7.06 -6.19
CA THR A 110 -8.09 8.07 -5.37
C THR A 110 -7.22 8.84 -6.34
N PRO A 111 -6.91 10.10 -6.00
CA PRO A 111 -6.07 10.93 -6.85
C PRO A 111 -4.59 10.49 -6.89
N SER A 112 -4.21 9.49 -6.10
CA SER A 112 -2.87 8.89 -6.06
C SER A 112 -2.52 8.22 -7.39
N THR A 113 -3.52 7.84 -8.16
CA THR A 113 -3.28 7.24 -9.48
C THR A 113 -2.61 8.26 -10.42
N HIS A 114 -2.72 9.55 -10.13
CA HIS A 114 -2.10 10.61 -10.96
C HIS A 114 -0.55 10.53 -10.91
N ILE A 115 0.05 9.75 -9.99
CA ILE A 115 1.51 9.49 -9.97
C ILE A 115 1.96 9.12 -11.39
N PHE A 116 1.22 8.29 -12.12
CA PHE A 116 1.73 7.76 -13.41
C PHE A 116 1.89 8.91 -14.42
N GLU A 117 1.14 9.99 -14.28
CA GLU A 117 1.17 11.14 -15.19
C GLU A 117 2.03 12.28 -14.61
N SER A 118 2.56 12.16 -13.38
CA SER A 118 3.46 13.15 -12.77
C SER A 118 4.87 12.97 -13.34
N LYS A 119 5.67 14.04 -13.34
CA LYS A 119 7.10 13.98 -13.69
C LYS A 119 7.89 13.57 -12.42
N TYR A 120 7.68 14.28 -11.32
CA TYR A 120 8.38 14.03 -10.04
C TYR A 120 7.36 13.88 -8.92
N ALA A 121 7.51 12.84 -8.13
CA ALA A 121 6.57 12.52 -7.06
C ALA A 121 7.32 12.23 -5.76
N ILE A 122 6.80 12.76 -4.64
CA ILE A 122 7.03 12.30 -3.25
C ILE A 122 5.80 11.48 -2.78
N LEU A 123 6.00 10.21 -2.40
CA LEU A 123 5.08 9.32 -1.67
C LEU A 123 5.49 9.30 -0.18
N ILE A 124 4.61 9.73 0.72
CA ILE A 124 4.81 9.70 2.19
C ILE A 124 3.68 8.89 2.80
N CYS A 125 4.06 7.90 3.58
CA CYS A 125 3.10 7.02 4.26
C CYS A 125 3.64 6.55 5.59
N ALA A 126 2.70 6.22 6.47
CA ALA A 126 2.92 5.84 7.88
C ALA A 126 2.13 4.57 8.12
N GLY A 127 2.76 3.57 8.71
CA GLY A 127 2.13 2.27 8.99
C GLY A 127 1.46 1.70 7.76
N ILE A 128 0.25 1.17 7.95
CA ILE A 128 -0.56 0.42 6.94
C ILE A 128 -1.02 1.39 5.82
N GLY A 129 -0.84 2.70 6.02
CA GLY A 129 -1.00 3.70 4.95
C GLY A 129 -0.13 3.44 3.73
N VAL A 130 0.86 2.54 3.84
CA VAL A 130 1.71 2.12 2.71
C VAL A 130 0.88 1.42 1.61
N THR A 131 -0.28 0.86 1.92
CA THR A 131 -0.91 -0.14 1.02
C THR A 131 -1.15 0.40 -0.38
N PRO A 132 -1.65 1.62 -0.59
CA PRO A 132 -1.88 2.08 -1.96
C PRO A 132 -0.55 2.29 -2.70
N PHE A 133 0.50 2.68 -1.97
CA PHE A 133 1.83 2.90 -2.58
C PHE A 133 2.46 1.54 -2.87
N ALA A 134 2.05 0.49 -2.12
CA ALA A 134 2.51 -0.86 -2.48
C ALA A 134 1.90 -1.22 -3.85
N SER A 135 0.63 -0.99 -4.06
CA SER A 135 0.00 -1.27 -5.36
C SER A 135 0.76 -0.49 -6.43
N ILE A 136 1.04 0.78 -6.14
CA ILE A 136 1.50 1.72 -7.19
C ILE A 136 2.95 1.37 -7.54
N LEU A 137 3.83 1.20 -6.55
CA LEU A 137 5.24 0.80 -6.82
C LEU A 137 5.27 -0.48 -7.68
N LYS A 138 4.49 -1.53 -7.36
CA LYS A 138 4.48 -2.77 -8.18
C LYS A 138 4.08 -2.42 -9.61
N SER A 139 3.07 -1.58 -9.77
CA SER A 139 2.60 -1.19 -11.12
C SER A 139 3.75 -0.49 -11.86
N ILE A 140 4.42 0.46 -11.23
CA ILE A 140 5.55 1.22 -11.87
C ILE A 140 6.61 0.24 -12.39
N LEU A 141 6.96 -0.82 -11.65
CA LEU A 141 7.86 -1.93 -12.10
C LEU A 141 7.29 -2.60 -13.36
N HIS A 142 6.16 -3.33 -13.30
CA HIS A 142 5.54 -4.03 -14.47
C HIS A 142 5.58 -3.13 -15.72
N ARG A 143 5.23 -1.84 -15.59
CA ARG A 143 5.11 -0.86 -16.71
C ARG A 143 6.47 -0.49 -17.33
N ASN A 144 7.56 -0.52 -16.56
CA ASN A 144 8.94 -0.25 -17.07
C ASN A 144 9.54 -1.51 -17.72
N GLN A 145 9.13 -2.71 -17.31
CA GLN A 145 9.50 -3.99 -17.99
C GLN A 145 8.72 -4.11 -19.30
N GLN A 146 7.61 -3.38 -19.45
CA GLN A 146 6.76 -3.44 -20.67
C GLN A 146 7.20 -2.32 -21.64
N ASN A 147 6.83 -1.07 -21.36
CA ASN A 147 7.10 0.10 -22.25
C ASN A 147 8.14 1.00 -21.58
N PRO A 148 9.46 0.78 -21.81
CA PRO A 148 10.50 1.33 -20.94
C PRO A 148 10.54 2.86 -20.74
N ALA A 149 10.23 3.66 -21.75
CA ALA A 149 10.27 5.14 -21.66
C ALA A 149 8.86 5.74 -21.86
N LYS A 150 7.82 4.91 -22.07
CA LYS A 150 6.43 5.34 -22.39
C LYS A 150 5.79 6.07 -21.20
N MET A 151 6.44 6.07 -20.03
CA MET A 151 5.92 6.71 -18.79
C MET A 151 6.65 8.02 -18.53
N PRO A 152 5.92 9.10 -18.18
CA PRO A 152 6.54 10.40 -17.94
C PRO A 152 7.07 10.61 -16.51
N LEU A 153 6.92 9.60 -15.65
CA LEU A 153 7.37 9.67 -14.25
C LEU A 153 8.88 9.46 -14.26
N LYS A 154 9.66 10.42 -13.77
CA LYS A 154 11.14 10.43 -13.91
C LYS A 154 11.78 10.16 -12.56
N LYS A 155 11.12 10.48 -11.45
CA LYS A 155 11.69 10.25 -10.11
C LYS A 155 10.59 10.09 -9.05
N VAL A 156 10.65 8.99 -8.29
CA VAL A 156 9.77 8.68 -7.14
C VAL A 156 10.61 8.73 -5.85
N HIS A 157 10.36 9.70 -4.98
CA HIS A 157 10.89 9.81 -3.61
C HIS A 157 9.86 9.17 -2.67
N PHE A 158 10.20 8.05 -2.04
CA PHE A 158 9.36 7.23 -1.16
C PHE A 158 9.86 7.33 0.29
N TYR A 159 8.96 7.65 1.22
CA TYR A 159 9.17 7.82 2.68
C TYR A 159 8.09 6.99 3.41
N TRP A 160 8.49 5.93 4.11
CA TRP A 160 7.58 5.04 4.87
C TRP A 160 7.99 5.14 6.32
N LEU A 161 7.12 5.62 7.21
CA LEU A 161 7.34 5.74 8.68
C LEU A 161 6.63 4.60 9.42
N ASN A 162 7.27 4.03 10.43
CA ASN A 162 6.70 2.99 11.32
C ASN A 162 7.20 3.18 12.73
N ARG A 163 6.34 2.92 13.72
CA ARG A 163 6.75 2.90 15.13
C ARG A 163 7.47 1.57 15.40
N GLU A 164 7.14 0.48 14.69
CA GLU A 164 7.66 -0.88 14.99
C GLU A 164 8.48 -1.42 13.81
N GLN A 165 9.73 -1.78 14.09
CA GLN A 165 10.66 -2.36 13.10
C GLN A 165 9.92 -3.46 12.35
N LYS A 166 9.14 -4.30 13.04
CA LYS A 166 8.65 -5.57 12.42
C LYS A 166 7.66 -5.20 11.29
N ALA A 167 6.97 -4.07 11.35
CA ALA A 167 6.00 -3.63 10.31
C ALA A 167 6.65 -3.54 8.92
N PHE A 168 7.98 -3.27 8.82
CA PHE A 168 8.68 -3.15 7.50
C PHE A 168 8.60 -4.48 6.77
N GLU A 169 8.45 -5.59 7.51
CA GLU A 169 8.31 -6.93 6.90
C GLU A 169 7.10 -7.01 5.98
N TRP A 170 6.08 -6.14 6.08
CA TRP A 170 4.87 -6.35 5.25
C TRP A 170 5.27 -6.32 3.78
N PHE A 171 6.27 -5.51 3.41
CA PHE A 171 6.58 -5.16 2.00
C PHE A 171 8.11 -5.10 1.75
N VAL A 172 8.90 -5.66 2.65
CA VAL A 172 10.38 -5.75 2.50
C VAL A 172 10.77 -6.58 1.26
N GLU A 173 10.04 -7.64 0.90
CA GLU A 173 10.33 -8.38 -0.35
C GLU A 173 10.26 -7.40 -1.51
N LEU A 174 9.13 -6.69 -1.63
CA LEU A 174 8.85 -5.71 -2.69
C LEU A 174 9.91 -4.61 -2.72
N LEU A 175 10.26 -4.04 -1.57
CA LEU A 175 11.30 -3.00 -1.51
C LEU A 175 12.66 -3.54 -1.98
N SER A 176 12.99 -4.81 -1.69
CA SER A 176 14.20 -5.53 -2.17
C SER A 176 14.19 -5.69 -3.68
N LYS A 177 13.09 -6.19 -4.25
CA LYS A 177 12.91 -6.32 -5.72
C LYS A 177 13.10 -4.94 -6.36
N ILE A 178 12.67 -3.85 -5.72
CA ILE A 178 12.85 -2.48 -6.31
C ILE A 178 14.34 -2.15 -6.31
N GLU A 179 15.03 -2.39 -5.19
CA GLU A 179 16.50 -2.21 -5.10
C GLU A 179 17.27 -3.15 -6.05
N ALA A 180 16.70 -4.25 -6.54
CA ALA A 180 17.36 -5.13 -7.53
C ALA A 180 17.20 -4.53 -8.93
N GLU A 181 15.95 -4.33 -9.36
CA GLU A 181 15.60 -3.95 -10.76
C GLU A 181 15.80 -2.44 -11.02
N ASP A 182 16.12 -1.60 -10.03
CA ASP A 182 16.16 -0.12 -10.26
C ASP A 182 17.57 0.33 -10.65
N THR A 183 18.04 -0.12 -11.83
CA THR A 183 19.40 0.20 -12.35
C THR A 183 19.41 1.69 -12.73
N ASN A 184 18.29 2.20 -13.23
CA ASN A 184 18.19 3.57 -13.79
C ASN A 184 17.81 4.57 -12.70
N ASN A 185 17.67 4.12 -11.44
CA ASN A 185 17.50 5.00 -10.27
C ASN A 185 16.21 5.82 -10.36
N LEU A 186 15.12 5.23 -10.82
CA LEU A 186 13.77 5.83 -10.70
C LEU A 186 13.42 6.11 -9.24
N PHE A 187 13.77 5.22 -8.30
CA PHE A 187 13.32 5.32 -6.88
C PHE A 187 14.45 5.73 -5.96
N ASP A 188 14.06 6.49 -4.95
CA ASP A 188 14.77 6.87 -3.72
C ASP A 188 13.87 6.36 -2.57
N LEU A 189 14.14 5.17 -2.04
CA LEU A 189 13.48 4.54 -0.89
C LEU A 189 14.09 5.03 0.43
N ASN A 190 13.26 5.35 1.43
CA ASN A 190 13.59 5.97 2.75
C ASN A 190 12.65 5.42 3.83
N LEU A 191 13.14 4.55 4.70
CA LEU A 191 12.40 3.95 5.81
C LEU A 191 12.82 4.67 7.08
N TYR A 192 11.87 5.09 7.92
CA TYR A 192 12.12 5.79 9.19
C TYR A 192 11.44 4.99 10.30
N LEU A 193 12.21 4.59 11.32
CA LEU A 193 11.72 3.97 12.57
C LEU A 193 11.64 5.11 13.61
N THR A 194 10.49 5.31 14.28
CA THR A 194 10.09 6.55 15.01
C THR A 194 10.01 6.44 16.55
N LEU A 222 20.07 -2.24 6.56
CA LEU A 222 19.83 -2.11 8.03
C LEU A 222 19.52 -3.50 8.61
N ILE A 223 18.57 -3.57 9.57
CA ILE A 223 17.83 -4.80 10.01
C ILE A 223 16.76 -5.13 8.95
N THR A 224 16.24 -4.12 8.21
CA THR A 224 15.48 -4.30 6.94
C THR A 224 16.18 -5.38 6.09
N GLY A 225 17.49 -5.27 5.89
CA GLY A 225 18.28 -6.14 5.00
C GLY A 225 18.41 -5.54 3.61
N LEU A 226 18.04 -4.28 3.43
CA LEU A 226 18.15 -3.51 2.16
C LEU A 226 19.50 -2.78 2.12
N LYS A 227 19.94 -2.36 0.93
CA LYS A 227 21.09 -1.42 0.73
C LYS A 227 20.76 -0.09 1.43
N SER A 228 19.49 0.32 1.44
CA SER A 228 18.98 1.60 2.00
C SER A 228 18.96 1.50 3.53
N ARG A 229 19.66 2.37 4.24
CA ARG A 229 19.79 2.21 5.72
C ARG A 229 18.53 2.80 6.35
N THR A 230 17.92 2.08 7.27
CA THR A 230 16.76 2.55 8.05
C THR A 230 17.19 3.77 8.87
N LYS A 231 16.61 4.95 8.66
CA LYS A 231 16.85 6.15 9.50
C LYS A 231 16.01 6.02 10.77
N THR A 232 16.22 6.92 11.74
CA THR A 232 15.53 6.93 13.06
C THR A 232 14.87 8.31 13.33
N GLY A 233 13.76 8.30 14.08
CA GLY A 233 13.04 9.51 14.48
C GLY A 233 12.08 9.96 13.40
N ARG A 234 11.33 11.01 13.73
CA ARG A 234 10.51 11.81 12.81
C ARG A 234 11.48 12.42 11.77
N PRO A 235 11.24 12.22 10.46
CA PRO A 235 12.01 12.88 9.42
C PRO A 235 11.96 14.40 9.55
N ASP A 236 13.04 15.05 9.11
CA ASP A 236 13.16 16.53 9.03
C ASP A 236 12.58 16.95 7.67
N TRP A 237 11.26 17.13 7.64
CA TRP A 237 10.50 17.35 6.39
C TRP A 237 10.91 18.67 5.75
N GLU A 238 11.26 19.67 6.55
CA GLU A 238 11.74 20.96 6.00
C GLU A 238 12.98 20.74 5.11
N GLU A 239 13.91 19.93 5.55
CA GLU A 239 15.20 19.68 4.85
C GLU A 239 14.95 18.80 3.60
N ILE A 240 14.13 17.77 3.77
CA ILE A 240 13.72 16.87 2.67
C ILE A 240 13.06 17.68 1.57
N PHE A 241 12.13 18.58 1.91
CA PHE A 241 11.38 19.34 0.88
C PHE A 241 12.37 20.27 0.16
N LYS A 242 13.23 20.94 0.94
CA LYS A 242 14.27 21.85 0.42
C LYS A 242 15.09 21.14 -0.67
N ASP A 243 15.51 19.93 -0.37
CA ASP A 243 16.37 19.13 -1.26
C ASP A 243 15.58 18.75 -2.50
N VAL A 244 14.40 18.13 -2.33
CA VAL A 244 13.59 17.64 -3.49
C VAL A 244 13.28 18.86 -4.38
N ALA A 245 13.00 20.01 -3.77
CA ALA A 245 12.71 21.22 -4.58
C ALA A 245 13.95 21.59 -5.43
N LYS A 246 15.12 21.64 -4.78
CA LYS A 246 16.41 21.99 -5.41
C LYS A 246 16.66 21.06 -6.62
N GLN A 247 16.53 19.74 -6.44
CA GLN A 247 16.73 18.75 -7.51
C GLN A 247 15.83 19.00 -8.70
N HIS A 248 14.57 19.39 -8.51
CA HIS A 248 13.61 19.31 -9.63
C HIS A 248 13.26 20.70 -10.16
N ALA A 249 13.79 21.78 -9.57
CA ALA A 249 13.50 23.15 -10.06
C ALA A 249 13.99 23.29 -11.49
N PRO A 250 13.28 24.05 -12.35
CA PRO A 250 12.08 24.81 -11.94
C PRO A 250 10.78 24.01 -12.14
N ASP A 251 10.86 22.68 -12.20
CA ASP A 251 9.65 21.85 -12.42
C ASP A 251 8.84 21.68 -11.14
N ASN A 252 7.63 21.17 -11.34
CA ASN A 252 6.62 20.92 -10.30
C ASN A 252 6.85 19.50 -9.78
N VAL A 253 6.71 19.38 -8.46
CA VAL A 253 6.70 18.10 -7.71
C VAL A 253 5.31 17.88 -7.12
N GLU A 254 4.83 16.64 -7.18
CA GLU A 254 3.50 16.26 -6.65
C GLU A 254 3.71 15.43 -5.39
N VAL A 255 3.15 15.86 -4.26
CA VAL A 255 3.20 15.12 -2.98
C VAL A 255 1.90 14.33 -2.83
N PHE A 256 2.00 13.03 -2.62
CA PHE A 256 0.93 12.08 -2.33
C PHE A 256 1.20 11.52 -0.95
N PHE A 257 0.17 11.48 -0.11
CA PHE A 257 0.28 11.25 1.35
C PHE A 257 -0.82 10.26 1.73
N CYS A 258 -0.47 9.21 2.45
CA CYS A 258 -1.44 8.36 3.13
C CYS A 258 -0.98 8.14 4.59
N GLY A 259 -1.60 8.81 5.54
CA GLY A 259 -1.24 8.63 6.95
C GLY A 259 -1.94 9.61 7.88
N PRO A 260 -1.38 9.80 9.10
CA PRO A 260 -2.07 10.55 10.13
C PRO A 260 -2.17 12.04 9.80
N THR A 261 -3.19 12.66 10.34
CA THR A 261 -3.68 14.01 10.04
C THR A 261 -2.71 15.08 10.55
N GLY A 262 -2.07 14.84 11.71
CA GLY A 262 -1.05 15.76 12.28
C GLY A 262 0.10 15.94 11.30
N LEU A 263 0.53 14.85 10.70
CA LEU A 263 1.55 14.85 9.63
C LEU A 263 1.00 15.59 8.39
N ALA A 264 -0.24 15.31 7.95
CA ALA A 264 -0.91 16.03 6.84
C ALA A 264 -0.80 17.55 7.02
N LEU A 265 -1.08 18.10 8.21
CA LEU A 265 -1.12 19.58 8.40
C LEU A 265 0.27 20.15 8.06
N GLN A 266 1.31 19.47 8.54
CA GLN A 266 2.71 19.91 8.35
C GLN A 266 3.05 19.78 6.86
N LEU A 267 2.72 18.64 6.23
CA LEU A 267 3.06 18.43 4.80
C LEU A 267 2.35 19.49 3.95
N ARG A 268 1.16 19.92 4.40
CA ARG A 268 0.38 20.93 3.62
C ARG A 268 1.09 22.27 3.66
N HIS A 269 1.47 22.74 4.85
CA HIS A 269 2.24 24.01 4.99
C HIS A 269 3.49 23.94 4.09
N LEU A 270 4.21 22.82 4.10
CA LEU A 270 5.49 22.64 3.35
C LEU A 270 5.20 22.59 1.85
N CYS A 271 4.07 22.04 1.40
CA CYS A 271 3.75 21.99 -0.05
C CYS A 271 3.53 23.41 -0.56
N THR A 272 2.94 24.28 0.27
CA THR A 272 2.66 25.69 -0.13
C THR A 272 3.97 26.48 -0.19
N LYS A 273 4.86 26.27 0.79
CA LYS A 273 6.16 26.97 0.91
C LYS A 273 7.00 26.74 -0.36
N TYR A 274 7.06 25.52 -0.91
CA TYR A 274 7.95 25.07 -2.00
C TYR A 274 7.20 24.84 -3.32
N GLY A 275 5.90 25.15 -3.43
CA GLY A 275 5.16 25.06 -4.71
C GLY A 275 4.87 23.62 -5.16
N PHE A 276 4.58 22.69 -4.25
CA PHE A 276 4.39 21.27 -4.58
C PHE A 276 2.88 21.02 -4.64
N GLY A 277 2.40 20.17 -5.54
CA GLY A 277 1.04 19.65 -5.62
C GLY A 277 0.65 18.94 -4.35
N TYR A 278 -0.50 19.29 -3.78
CA TYR A 278 -1.10 18.58 -2.62
C TYR A 278 -2.62 18.35 -2.88
N ARG A 279 -3.11 17.17 -2.53
CA ARG A 279 -4.58 16.89 -2.39
C ARG A 279 -4.95 16.83 -0.91
N LYS A 280 -5.81 17.72 -0.46
CA LYS A 280 -6.54 17.58 0.85
C LYS A 280 -7.29 16.23 0.87
N GLU A 281 -6.76 15.25 1.62
CA GLU A 281 -7.33 13.89 1.86
C GLU A 281 -7.37 13.61 3.39
N ASN A 282 -7.26 14.63 4.23
CA ASN A 282 -7.05 14.46 5.70
C ASN A 282 -7.81 15.59 6.37
N PHE A 283 -8.77 15.23 7.23
CA PHE A 283 -9.81 16.14 7.77
C PHE A 283 -9.74 16.15 9.31
#